data_9GXA
#
_entry.id   9GXA
#
_cell.length_a   1.00
_cell.length_b   1.00
_cell.length_c   1.00
_cell.angle_alpha   90.00
_cell.angle_beta   90.00
_cell.angle_gamma   90.00
#
_symmetry.space_group_name_H-M   'P 1'
#
loop_
_entity.id
_entity.type
_entity.pdbx_description
1 polymer 'Histone H3-like centromeric protein A'
2 polymer 'Histone H4'
3 polymer '147 bp human alpha-satellite DNA'
4 polymer '147 bp alpha-satellite DNA'
#
loop_
_entity_poly.entity_id
_entity_poly.type
_entity_poly.pdbx_seq_one_letter_code
_entity_poly.pdbx_strand_id
1 'polypeptide(L)'
;GPRRRSRKPEAPRRRSPSPTPTPGPSRRGPSLGASSHQHSRRRQGWLKEIRKLQKSTHLLIRKLPFSRLAREICVKFTRG
VDFNWQAQALLALQEAAEAFLVHLFEDAYLLTLHAGRVTLFPKDVQLARRIRGLEEGLG
;
A,C,E,G
2 'polypeptide(L)'
;SGRGKGGKGLGKGGAKRHRKVLRDNIQGITKPAIRRLARRGGVKRISGLIYEETRGVLKVFLENVIRDAVTYTEHAKRKT
VTAMDVVYALKRQGRTLYGFGG
;
B,D,F,H
3 'polydeoxyribonucleotide'
;(DA)(DT)(DC)(DA)(DA)(DA)(DT)(DA)(DT)(DC)(DC)(DA)(DC)(DC)(DT)(DG)(DC)(DA)(DG)(DA)
(DT)(DT)(DC)(DT)(DA)(DC)(DC)(DA)(DA)(DA)(DA)(DG)(DT)(DG)(DT)(DA)(DT)(DT)(DT)(DG)
(DG)(DA)(DA)(DA)(DC)(DT)(DG)(DC)(DT)(DC)(DC)(DA)(DT)(DC)(DA)(DA)(DA)(DA)(DG)(DG)
(DC)(DA)(DT)(DG)(DT)(DT)(DC)(DA)(DG)(DC)(DT)(DC)(DT)(DG)(DT)(DG)(DA)(DG)(DT)(DG)
(DA)(DA)(DA)(DC)(DT)(DC)(DC)(DA)(DT)(DC)(DA)(DT)(DC)(DA)(DC)(DA)(DA)(DA)(DG)(DA)
(DA)(DT)(DA)(DT)(DT)(DC)(DT)(DG)(DA)(DG)(DA)(DA)(DT)(DG)(DC)(DT)(DT)(DC)(DC)(DG)
(DT)(DT)(DT)(DG)(DC)(DC)(DT)(DT)(DT)(DT)(DA)(DT)(DA)(DT)(DG)(DA)(DA)(DC)(DT)(DT)
(DC)(DC)(DT)(DC)(DG)(DA)(DT)
;
I
4 'polydeoxyribonucleotide'
;(DA)(DT)(DC)(DG)(DA)(DG)(DG)(DA)(DA)(DG)(DT)(DT)(DC)(DA)(DT)(DA)(DT)(DA)(DA)(DA)
(DA)(DG)(DG)(DC)(DA)(DA)(DA)(DC)(DG)(DG)(DA)(DA)(DG)(DC)(DA)(DT)(DT)(DC)(DT)(DC)
(DA)(DG)(DA)(DA)(DT)(DA)(DT)(DT)(DC)(DT)(DT)(DT)(DG)(DT)(DG)(DA)(DT)(DG)(DA)(DT)
(DG)(DG)(DA)(DG)(DT)(DT)(DT)(DC)(DA)(DC)(DT)(DC)(DA)(DC)(DA)(DG)(DA)(DG)(DC)(DT)
(DG)(DA)(DA)(DC)(DA)(DT)(DG)(DC)(DC)(DT)(DT)(DT)(DT)(DG)(DA)(DT)(DG)(DG)(DA)(DG)
(DC)(DA)(DG)(DT)(DT)(DT)(DC)(DC)(DA)(DA)(DA)(DT)(DA)(DC)(DA)(DC)(DT)(DT)(DT)(DT)
(DG)(DG)(DT)(DA)(DG)(DA)(DA)(DT)(DC)(DT)(DG)(DC)(DA)(DG)(DG)(DT)(DG)(DG)(DA)(DT)
(DA)(DT)(DT)(DT)(DG)(DA)(DT)
;
J
#
loop_
_chem_comp.id
_chem_comp.type
_chem_comp.name
_chem_comp.formula
DA DNA linking 2'-DEOXYADENOSINE-5'-MONOPHOSPHATE 'C10 H14 N5 O6 P'
DC DNA linking 2'-DEOXYCYTIDINE-5'-MONOPHOSPHATE 'C9 H14 N3 O7 P'
DG DNA linking 2'-DEOXYGUANOSINE-5'-MONOPHOSPHATE 'C10 H14 N5 O7 P'
DT DNA linking THYMIDINE-5'-MONOPHOSPHATE 'C10 H15 N2 O8 P'
#
# COMPACT_ATOMS: atom_id res chain seq x y z
N LEU A 64 -5.56 34.15 2.22
CA LEU A 64 -6.66 34.99 1.76
C LEU A 64 -7.98 34.47 2.28
N PRO A 65 -8.93 35.35 2.59
CA PRO A 65 -10.27 34.88 2.96
C PRO A 65 -11.03 34.36 1.76
N PHE A 66 -10.42 33.42 1.02
CA PHE A 66 -11.10 32.75 -0.07
C PHE A 66 -12.20 31.83 0.41
N SER A 67 -12.30 31.59 1.72
CA SER A 67 -13.35 30.73 2.25
C SER A 67 -14.73 31.25 1.88
N ARG A 68 -14.94 32.57 1.95
CA ARG A 68 -16.23 33.13 1.58
C ARG A 68 -16.52 32.92 0.10
N LEU A 69 -15.51 33.08 -0.76
CA LEU A 69 -15.71 32.83 -2.19
C LEU A 69 -16.00 31.36 -2.45
N ALA A 70 -15.42 30.47 -1.65
CA ALA A 70 -15.74 29.05 -1.75
C ALA A 70 -17.18 28.79 -1.34
N ARG A 71 -17.66 29.45 -0.29
CA ARG A 71 -19.01 29.23 0.20
C ARG A 71 -20.08 29.87 -0.65
N GLU A 72 -19.72 30.70 -1.64
CA GLU A 72 -20.76 31.33 -2.45
C GLU A 72 -21.52 30.29 -3.27
N ILE A 73 -20.92 29.13 -3.50
CA ILE A 73 -21.58 28.08 -4.27
C ILE A 73 -22.29 27.07 -3.37
N CYS A 74 -21.78 26.83 -2.15
CA CYS A 74 -22.45 25.92 -1.24
C CYS A 74 -23.73 26.53 -0.69
N VAL A 75 -23.72 27.83 -0.40
CA VAL A 75 -24.92 28.50 0.06
C VAL A 75 -25.99 28.49 -1.03
N LYS A 76 -25.58 28.42 -2.30
CA LYS A 76 -26.54 28.27 -3.38
C LYS A 76 -27.30 26.95 -3.27
N PHE A 77 -26.59 25.88 -2.92
CA PHE A 77 -27.23 24.58 -2.80
C PHE A 77 -28.03 24.46 -1.51
N THR A 78 -27.52 25.05 -0.42
CA THR A 78 -28.18 24.91 0.87
C THR A 78 -29.44 25.78 0.97
N ARG A 79 -29.45 26.92 0.29
CA ARG A 79 -30.56 27.86 0.33
C ARG A 79 -30.88 28.29 1.76
N GLY A 80 -29.83 28.55 2.55
CA GLY A 80 -29.99 28.95 3.93
C GLY A 80 -28.77 29.69 4.41
N VAL A 81 -28.80 30.04 5.70
CA VAL A 81 -27.67 30.75 6.30
C VAL A 81 -26.45 29.85 6.28
N ASP A 82 -25.31 30.43 5.87
CA ASP A 82 -24.06 29.68 5.84
C ASP A 82 -23.71 29.19 7.25
N PHE A 83 -23.40 27.90 7.36
CA PHE A 83 -23.09 27.33 8.66
C PHE A 83 -21.70 27.75 9.10
N ASN A 84 -21.51 27.80 10.41
CA ASN A 84 -20.23 28.18 10.99
C ASN A 84 -19.27 27.00 10.96
N TRP A 85 -18.16 27.18 10.27
CA TRP A 85 -17.16 26.13 10.12
C TRP A 85 -15.99 26.40 11.04
N GLN A 86 -15.51 25.36 11.70
CA GLN A 86 -14.42 25.50 12.65
C GLN A 86 -13.13 25.87 11.92
N ALA A 87 -12.20 26.45 12.69
CA ALA A 87 -10.88 26.73 12.15
C ALA A 87 -10.17 25.44 11.76
N GLN A 88 -10.32 24.38 12.55
CA GLN A 88 -9.76 23.09 12.20
C GLN A 88 -10.39 22.54 10.93
N ALA A 89 -11.68 22.83 10.71
CA ALA A 89 -12.34 22.39 9.49
C ALA A 89 -11.73 23.05 8.26
N LEU A 90 -11.52 24.37 8.32
CA LEU A 90 -10.89 25.07 7.21
C LEU A 90 -9.45 24.60 7.02
N LEU A 91 -8.74 24.35 8.13
CA LEU A 91 -7.37 23.85 8.03
C LEU A 91 -7.33 22.49 7.33
N ALA A 92 -8.24 21.59 7.70
CA ALA A 92 -8.30 20.28 7.06
C ALA A 92 -8.67 20.40 5.58
N LEU A 93 -9.62 21.29 5.26
CA LEU A 93 -9.98 21.50 3.86
C LEU A 93 -8.80 22.01 3.06
N GLN A 94 -8.05 22.98 3.60
CA GLN A 94 -6.90 23.51 2.90
C GLN A 94 -5.82 22.46 2.74
N GLU A 95 -5.57 21.66 3.78
CA GLU A 95 -4.57 20.61 3.67
C GLU A 95 -4.97 19.58 2.62
N ALA A 96 -6.24 19.19 2.59
CA ALA A 96 -6.71 18.25 1.59
C ALA A 96 -6.58 18.83 0.19
N ALA A 97 -6.90 20.11 0.02
CA ALA A 97 -6.75 20.74 -1.28
C ALA A 97 -5.29 20.76 -1.72
N GLU A 98 -4.38 21.09 -0.80
CA GLU A 98 -2.97 21.10 -1.15
C GLU A 98 -2.49 19.70 -1.50
N ALA A 99 -2.93 18.68 -0.75
CA ALA A 99 -2.54 17.32 -1.06
C ALA A 99 -3.06 16.89 -2.42
N PHE A 100 -4.32 17.23 -2.73
CA PHE A 100 -4.87 16.90 -4.03
C PHE A 100 -4.11 17.58 -5.15
N LEU A 101 -3.81 18.87 -4.98
CA LEU A 101 -3.11 19.61 -6.02
C LEU A 101 -1.70 19.05 -6.23
N VAL A 102 -0.99 18.75 -5.15
CA VAL A 102 0.38 18.26 -5.30
C VAL A 102 0.37 16.87 -5.91
N HIS A 103 -0.59 16.02 -5.52
CA HIS A 103 -0.66 14.69 -6.11
C HIS A 103 -0.96 14.76 -7.59
N LEU A 104 -1.94 15.58 -7.97
CA LEU A 104 -2.28 15.72 -9.39
C LEU A 104 -1.11 16.28 -10.18
N PHE A 105 -0.44 17.31 -9.64
CA PHE A 105 0.68 17.91 -10.35
C PHE A 105 1.83 16.93 -10.52
N GLU A 106 2.16 16.17 -9.46
CA GLU A 106 3.23 15.20 -9.58
C GLU A 106 2.89 14.13 -10.60
N ASP A 107 1.64 13.63 -10.56
CA ASP A 107 1.24 12.61 -11.54
C ASP A 107 1.33 13.14 -12.96
N ALA A 108 0.84 14.37 -13.19
CA ALA A 108 0.88 14.94 -14.53
C ALA A 108 2.32 15.14 -14.99
N TYR A 109 3.18 15.66 -14.11
CA TYR A 109 4.56 15.89 -14.49
C TYR A 109 5.27 14.59 -14.82
N LEU A 110 4.94 13.50 -14.11
CA LEU A 110 5.57 12.23 -14.41
C LEU A 110 5.33 11.82 -15.86
N LEU A 111 4.08 11.90 -16.32
CA LEU A 111 3.79 11.48 -17.69
C LEU A 111 4.27 12.50 -18.70
N THR A 112 4.32 13.79 -18.36
CA THR A 112 4.90 14.76 -19.27
C THR A 112 6.37 14.48 -19.51
N LEU A 113 7.12 14.30 -18.42
CA LEU A 113 8.53 13.96 -18.56
C LEU A 113 8.70 12.64 -19.28
N HIS A 114 7.75 11.72 -19.12
CA HIS A 114 7.75 10.50 -19.92
C HIS A 114 7.61 10.83 -21.40
N ALA A 115 6.74 11.79 -21.74
CA ALA A 115 6.61 12.24 -23.12
C ALA A 115 7.81 13.05 -23.58
N GLY A 116 8.71 13.42 -22.67
CA GLY A 116 9.91 14.14 -23.01
C GLY A 116 9.87 15.63 -22.73
N ARG A 117 8.68 16.20 -22.52
CA ARG A 117 8.58 17.62 -22.23
C ARG A 117 9.11 17.91 -20.82
N VAL A 118 9.30 19.20 -20.53
CA VAL A 118 9.78 19.61 -19.22
C VAL A 118 8.70 20.43 -18.52
N THR A 119 7.86 21.12 -19.30
CA THR A 119 6.80 21.94 -18.74
C THR A 119 5.47 21.18 -18.77
N LEU A 120 4.51 21.67 -17.99
CA LEU A 120 3.17 21.09 -17.94
C LEU A 120 2.29 21.74 -18.99
N PHE A 121 1.14 21.11 -19.24
CA PHE A 121 0.14 21.52 -20.21
C PHE A 121 -1.26 21.18 -19.73
N PRO A 122 -2.27 21.90 -20.22
CA PRO A 122 -3.65 21.50 -19.88
C PRO A 122 -4.00 20.10 -20.32
N LYS A 123 -3.56 19.69 -21.51
CA LYS A 123 -3.91 18.35 -21.99
C LYS A 123 -3.31 17.28 -21.10
N ASP A 124 -2.10 17.53 -20.58
CA ASP A 124 -1.41 16.51 -19.80
C ASP A 124 -2.05 16.33 -18.44
N VAL A 125 -2.36 17.42 -17.74
CA VAL A 125 -3.05 17.29 -16.46
C VAL A 125 -4.45 16.75 -16.66
N GLN A 126 -5.11 17.12 -17.77
CA GLN A 126 -6.43 16.55 -18.06
C GLN A 126 -6.34 15.04 -18.22
N LEU A 127 -5.33 14.56 -18.96
CA LEU A 127 -5.13 13.13 -19.11
C LEU A 127 -4.83 12.47 -17.77
N ALA A 128 -3.95 13.09 -16.97
CA ALA A 128 -3.59 12.52 -15.68
C ALA A 128 -4.80 12.43 -14.77
N ARG A 129 -5.75 13.35 -14.92
CA ARG A 129 -6.99 13.24 -14.16
C ARG A 129 -7.89 12.14 -14.72
N ARG A 130 -8.00 12.05 -16.04
CA ARG A 130 -8.96 11.13 -16.64
C ARG A 130 -8.52 9.67 -16.54
N ILE A 131 -7.21 9.42 -16.49
CA ILE A 131 -6.73 8.04 -16.47
C ILE A 131 -7.17 7.33 -15.19
N ARG A 132 -7.14 8.03 -14.07
CA ARG A 132 -7.57 7.44 -12.80
C ARG A 132 -9.08 7.56 -12.69
N GLY A 133 -9.62 7.19 -11.52
CA GLY A 133 -11.06 7.27 -11.33
C GLY A 133 -11.54 8.72 -11.30
N LEU A 134 -12.80 8.90 -11.67
CA LEU A 134 -13.41 10.22 -11.66
C LEU A 134 -14.44 10.33 -10.54
N ILE B 26 -13.83 37.76 -7.31
CA ILE B 26 -14.30 36.93 -8.41
C ILE B 26 -13.53 35.62 -8.45
N GLN B 27 -12.23 35.70 -8.75
CA GLN B 27 -11.37 34.54 -8.81
C GLN B 27 -10.37 34.58 -7.68
N GLY B 28 -10.49 33.63 -6.76
CA GLY B 28 -9.65 33.56 -5.60
C GLY B 28 -8.42 32.70 -5.77
N ILE B 29 -8.07 32.34 -6.99
CA ILE B 29 -6.90 31.51 -7.27
C ILE B 29 -5.87 32.36 -7.97
N THR B 30 -4.67 32.45 -7.40
CA THR B 30 -3.65 33.36 -7.88
C THR B 30 -2.44 32.57 -8.37
N LYS B 31 -1.66 33.23 -9.23
CA LYS B 31 -0.52 32.56 -9.85
C LYS B 31 0.51 32.09 -8.83
N PRO B 32 0.95 32.89 -7.86
CA PRO B 32 1.90 32.36 -6.87
C PRO B 32 1.34 31.20 -6.07
N ALA B 33 0.04 31.16 -5.82
CA ALA B 33 -0.54 30.02 -5.12
C ALA B 33 -0.35 28.74 -5.91
N ILE B 34 -0.60 28.79 -7.22
CA ILE B 34 -0.36 27.62 -8.06
C ILE B 34 1.12 27.28 -8.10
N ARG B 35 1.98 28.29 -8.26
CA ARG B 35 3.39 28.03 -8.46
C ARG B 35 4.07 27.48 -7.22
N ARG B 36 3.71 27.98 -6.03
CA ARG B 36 4.31 27.46 -4.80
C ARG B 36 3.96 26.00 -4.59
N LEU B 37 2.69 25.64 -4.78
CA LEU B 37 2.29 24.25 -4.64
C LEU B 37 2.96 23.37 -5.69
N ALA B 38 3.05 23.86 -6.93
CA ALA B 38 3.71 23.09 -7.97
C ALA B 38 5.17 22.85 -7.64
N ARG B 39 5.88 23.89 -7.21
CA ARG B 39 7.28 23.74 -6.85
C ARG B 39 7.44 22.81 -5.66
N ARG B 40 6.49 22.86 -4.72
CA ARG B 40 6.47 21.88 -3.64
C ARG B 40 6.28 20.47 -4.20
N GLY B 41 5.56 20.34 -5.31
CA GLY B 41 5.39 19.05 -5.94
C GLY B 41 6.59 18.53 -6.70
N GLY B 42 7.60 19.36 -6.91
CA GLY B 42 8.80 18.92 -7.59
C GLY B 42 8.83 19.12 -9.09
N VAL B 43 7.92 19.92 -9.63
CA VAL B 43 7.93 20.24 -11.05
C VAL B 43 8.97 21.33 -11.29
N LYS B 44 9.29 21.56 -12.56
CA LYS B 44 10.31 22.55 -12.90
C LYS B 44 9.72 23.77 -13.59
N ARG B 45 8.98 23.58 -14.68
CA ARG B 45 8.40 24.67 -15.42
C ARG B 45 6.91 24.43 -15.59
N ILE B 46 6.14 25.51 -15.53
CA ILE B 46 4.68 25.45 -15.59
C ILE B 46 4.21 26.40 -16.68
N SER B 47 3.38 25.90 -17.58
CA SER B 47 2.78 26.77 -18.59
C SER B 47 1.79 27.73 -17.94
N GLY B 48 1.74 28.94 -18.48
CA GLY B 48 0.74 29.89 -18.03
C GLY B 48 -0.66 29.56 -18.49
N LEU B 49 -0.81 28.65 -19.44
CA LEU B 49 -2.12 28.27 -19.93
C LEU B 49 -2.82 27.28 -19.01
N ILE B 50 -2.14 26.76 -17.99
CA ILE B 50 -2.70 25.73 -17.13
C ILE B 50 -3.43 26.32 -15.93
N TYR B 51 -3.41 27.64 -15.74
CA TYR B 51 -4.07 28.23 -14.59
C TYR B 51 -5.58 27.99 -14.65
N GLU B 52 -6.17 28.11 -15.85
CA GLU B 52 -7.59 27.85 -15.98
C GLU B 52 -7.92 26.40 -15.62
N GLU B 53 -7.09 25.47 -16.06
CA GLU B 53 -7.35 24.06 -15.77
C GLU B 53 -7.19 23.77 -14.28
N THR B 54 -6.21 24.39 -13.63
CA THR B 54 -6.06 24.23 -12.19
C THR B 54 -7.26 24.82 -11.45
N ARG B 55 -7.74 25.97 -11.90
CA ARG B 55 -8.94 26.54 -11.30
C ARG B 55 -10.12 25.60 -11.47
N GLY B 56 -10.25 24.97 -12.64
CA GLY B 56 -11.35 24.05 -12.87
C GLY B 56 -11.28 22.81 -12.00
N VAL B 57 -10.07 22.24 -11.86
CA VAL B 57 -9.93 21.03 -11.04
C VAL B 57 -10.16 21.37 -9.57
N LEU B 58 -9.68 22.53 -9.12
CA LEU B 58 -9.97 22.94 -7.75
C LEU B 58 -11.46 23.16 -7.57
N LYS B 59 -12.12 23.71 -8.58
CA LYS B 59 -13.56 23.96 -8.49
C LYS B 59 -14.34 22.66 -8.38
N VAL B 60 -14.00 21.66 -9.20
CA VAL B 60 -14.73 20.39 -9.12
C VAL B 60 -14.42 19.69 -7.80
N PHE B 61 -13.17 19.78 -7.32
CA PHE B 61 -12.83 19.19 -6.03
C PHE B 61 -13.60 19.83 -4.89
N LEU B 62 -13.68 21.16 -4.87
CA LEU B 62 -14.41 21.83 -3.81
C LEU B 62 -15.90 21.54 -3.91
N GLU B 63 -16.43 21.45 -5.13
CA GLU B 63 -17.82 21.06 -5.29
C GLU B 63 -18.06 19.66 -4.72
N ASN B 64 -17.13 18.74 -4.98
CA ASN B 64 -17.27 17.39 -4.44
C ASN B 64 -17.26 17.40 -2.92
N VAL B 65 -16.32 18.13 -2.32
CA VAL B 65 -16.22 18.09 -0.86
C VAL B 65 -17.41 18.78 -0.22
N ILE B 66 -17.90 19.88 -0.81
CA ILE B 66 -19.06 20.55 -0.22
C ILE B 66 -20.33 19.73 -0.44
N ARG B 67 -20.42 19.01 -1.56
CA ARG B 67 -21.56 18.11 -1.76
C ARG B 67 -21.57 16.99 -0.72
N ASP B 68 -20.39 16.40 -0.47
CA ASP B 68 -20.31 15.39 0.58
C ASP B 68 -20.67 15.98 1.94
N ALA B 69 -20.17 17.19 2.24
CA ALA B 69 -20.42 17.80 3.53
C ALA B 69 -21.90 18.12 3.72
N VAL B 70 -22.54 18.67 2.69
CA VAL B 70 -23.97 19.01 2.78
C VAL B 70 -24.80 17.74 2.89
N THR B 71 -24.43 16.69 2.16
CA THR B 71 -25.12 15.41 2.30
C THR B 71 -25.02 14.91 3.73
N TYR B 72 -23.83 14.97 4.32
CA TYR B 72 -23.62 14.46 5.66
C TYR B 72 -24.34 15.31 6.71
N THR B 73 -24.45 16.62 6.47
CA THR B 73 -25.11 17.49 7.45
C THR B 73 -26.62 17.38 7.37
N GLU B 74 -27.18 17.36 6.17
CA GLU B 74 -28.64 17.26 6.06
C GLU B 74 -29.15 15.83 6.16
N HIS B 75 -28.28 14.82 6.15
CA HIS B 75 -28.73 13.47 6.46
C HIS B 75 -28.67 13.20 7.95
N ALA B 76 -27.65 13.74 8.63
CA ALA B 76 -27.58 13.67 10.07
C ALA B 76 -28.55 14.66 10.71
N LYS B 77 -28.93 14.37 11.95
CA LYS B 77 -29.85 15.26 12.66
C LYS B 77 -29.23 16.62 12.89
N ARG B 78 -27.96 16.66 13.25
CA ARG B 78 -27.28 17.93 13.52
C ARG B 78 -27.03 18.70 12.23
N LYS B 79 -26.99 20.02 12.36
CA LYS B 79 -26.83 20.91 11.22
C LYS B 79 -25.57 21.77 11.30
N THR B 80 -25.26 22.34 12.46
CA THR B 80 -24.14 23.26 12.55
C THR B 80 -22.79 22.53 12.53
N VAL B 81 -22.74 21.32 13.09
CA VAL B 81 -21.49 20.60 13.22
C VAL B 81 -21.11 19.98 11.88
N THR B 82 -19.81 19.81 11.65
CA THR B 82 -19.32 19.18 10.43
C THR B 82 -19.04 17.70 10.69
N ALA B 83 -19.57 16.84 9.82
CA ALA B 83 -19.33 15.42 9.95
C ALA B 83 -17.92 15.08 9.50
N MET B 84 -17.13 14.50 10.41
CA MET B 84 -15.75 14.12 10.10
C MET B 84 -15.67 12.89 9.22
N ASP B 85 -16.79 12.21 8.97
CA ASP B 85 -16.81 11.04 8.10
C ASP B 85 -16.57 11.41 6.64
N VAL B 86 -16.40 12.69 6.33
CA VAL B 86 -16.06 13.13 4.98
C VAL B 86 -14.78 12.46 4.48
N VAL B 87 -13.90 12.04 5.38
CA VAL B 87 -12.66 11.38 4.98
C VAL B 87 -12.97 10.02 4.35
N TYR B 88 -13.97 9.31 4.87
CA TYR B 88 -14.26 7.96 4.45
C TYR B 88 -15.08 7.88 3.17
N ALA B 89 -15.48 9.03 2.60
CA ALA B 89 -16.23 9.00 1.35
C ALA B 89 -15.39 8.42 0.21
N LEU B 90 -14.12 8.79 0.14
CA LEU B 90 -13.23 8.31 -0.91
C LEU B 90 -12.95 6.83 -0.75
N THR C 57 -20.44 -11.90 -24.26
CA THR C 57 -20.20 -13.33 -24.14
C THR C 57 -19.15 -13.78 -25.15
N HIS C 58 -17.92 -13.29 -24.99
CA HIS C 58 -16.84 -13.64 -25.91
C HIS C 58 -15.52 -13.65 -25.16
N LEU C 59 -14.61 -14.49 -25.64
CA LEU C 59 -13.27 -14.58 -25.10
C LEU C 59 -12.29 -14.75 -26.26
N LEU C 60 -11.04 -14.38 -26.03
CA LEU C 60 -10.01 -14.48 -27.07
C LEU C 60 -8.68 -14.98 -26.56
N ILE C 61 -8.61 -15.48 -25.33
CA ILE C 61 -7.44 -16.19 -24.84
C ILE C 61 -7.83 -17.64 -24.63
N ARG C 62 -7.00 -18.55 -25.12
CA ARG C 62 -7.39 -19.95 -25.23
C ARG C 62 -7.64 -20.55 -23.85
N LYS C 63 -8.64 -21.44 -23.80
CA LYS C 63 -9.17 -21.90 -22.52
C LYS C 63 -8.21 -22.83 -21.79
N LEU C 64 -7.65 -23.82 -22.50
CA LEU C 64 -6.78 -24.79 -21.85
C LEU C 64 -5.51 -24.19 -21.25
N PRO C 65 -4.74 -23.35 -21.95
CA PRO C 65 -3.54 -22.80 -21.31
C PRO C 65 -3.85 -21.95 -20.10
N PHE C 66 -4.90 -21.13 -20.19
CA PHE C 66 -5.31 -20.34 -19.03
C PHE C 66 -5.72 -21.23 -17.89
N SER C 67 -6.48 -22.29 -18.17
CA SER C 67 -6.93 -23.20 -17.12
C SER C 67 -5.75 -23.87 -16.44
N ARG C 68 -4.79 -24.35 -17.23
CA ARG C 68 -3.64 -25.02 -16.61
C ARG C 68 -2.76 -24.04 -15.86
N LEU C 69 -2.64 -22.79 -16.33
CA LEU C 69 -1.92 -21.78 -15.57
C LEU C 69 -2.60 -21.52 -14.23
N ALA C 70 -3.92 -21.36 -14.24
CA ALA C 70 -4.64 -21.12 -13.00
C ALA C 70 -4.48 -22.29 -12.04
N ARG C 71 -4.59 -23.52 -12.56
CA ARG C 71 -4.47 -24.68 -11.69
C ARG C 71 -3.07 -24.77 -11.09
N GLU C 72 -2.03 -24.52 -11.90
CA GLU C 72 -0.68 -24.64 -11.37
C GLU C 72 -0.40 -23.54 -10.36
N ILE C 73 -0.96 -22.35 -10.56
CA ILE C 73 -0.81 -21.29 -9.58
C ILE C 73 -1.49 -21.66 -8.27
N CYS C 74 -2.71 -22.20 -8.36
CA CYS C 74 -3.43 -22.58 -7.15
C CYS C 74 -2.69 -23.66 -6.38
N VAL C 75 -2.13 -24.64 -7.10
CA VAL C 75 -1.33 -25.67 -6.45
C VAL C 75 -0.06 -25.07 -5.87
N LYS C 76 0.53 -24.10 -6.57
CA LYS C 76 1.80 -23.52 -6.13
C LYS C 76 1.64 -22.78 -4.81
N PHE C 77 0.68 -21.88 -4.72
CA PHE C 77 0.57 -21.10 -3.48
C PHE C 77 0.07 -21.95 -2.33
N THR C 78 -1.00 -22.72 -2.56
CA THR C 78 -1.58 -23.54 -1.51
C THR C 78 -0.95 -24.92 -1.54
N ARG C 79 -0.18 -25.25 -0.51
CA ARG C 79 0.50 -26.53 -0.46
C ARG C 79 -0.45 -27.63 0.01
N GLY C 80 -1.60 -27.75 -0.66
CA GLY C 80 -2.57 -28.77 -0.37
C GLY C 80 -2.95 -29.54 -1.62
N VAL C 81 -3.92 -30.43 -1.46
CA VAL C 81 -4.39 -31.23 -2.58
C VAL C 81 -4.97 -30.32 -3.65
N ASP C 82 -5.08 -30.86 -4.88
CA ASP C 82 -5.54 -30.08 -6.01
C ASP C 82 -6.98 -29.60 -5.80
N PHE C 83 -7.14 -28.29 -5.62
CA PHE C 83 -8.48 -27.72 -5.51
C PHE C 83 -9.19 -27.87 -6.85
N ASN C 84 -10.27 -28.65 -6.86
CA ASN C 84 -11.04 -28.80 -8.07
C ASN C 84 -11.64 -27.45 -8.48
N TRP C 85 -11.62 -27.17 -9.78
CA TRP C 85 -12.10 -25.90 -10.30
C TRP C 85 -13.39 -26.14 -11.07
N GLN C 86 -14.46 -25.50 -10.63
CA GLN C 86 -15.71 -25.58 -11.37
C GLN C 86 -15.60 -24.83 -12.69
N ALA C 87 -16.14 -25.45 -13.75
CA ALA C 87 -15.93 -24.95 -15.09
C ALA C 87 -16.50 -23.54 -15.29
N GLN C 88 -17.44 -23.11 -14.45
CA GLN C 88 -17.90 -21.73 -14.48
C GLN C 88 -16.90 -20.77 -13.85
N ALA C 89 -16.18 -21.22 -12.83
CA ALA C 89 -15.21 -20.35 -12.16
C ALA C 89 -14.09 -19.95 -13.12
N LEU C 90 -13.58 -20.91 -13.88
CA LEU C 90 -12.52 -20.58 -14.84
C LEU C 90 -13.01 -19.63 -15.91
N LEU C 91 -14.24 -19.82 -16.39
CA LEU C 91 -14.78 -18.91 -17.40
C LEU C 91 -14.92 -17.50 -16.86
N ALA C 92 -15.44 -17.36 -15.64
CA ALA C 92 -15.56 -16.02 -15.04
C ALA C 92 -14.18 -15.42 -14.80
N LEU C 93 -13.21 -16.24 -14.39
CA LEU C 93 -11.86 -15.76 -14.21
C LEU C 93 -11.28 -15.24 -15.52
N GLN C 94 -11.50 -15.97 -16.60
CA GLN C 94 -11.04 -15.51 -17.90
C GLN C 94 -11.70 -14.20 -18.29
N GLU C 95 -13.00 -14.07 -18.03
CA GLU C 95 -13.68 -12.81 -18.33
C GLU C 95 -13.03 -11.66 -17.57
N ALA C 96 -12.80 -11.85 -16.27
CA ALA C 96 -12.22 -10.78 -15.46
C ALA C 96 -10.80 -10.43 -15.90
N ALA C 97 -9.97 -11.46 -16.14
CA ALA C 97 -8.59 -11.20 -16.55
C ALA C 97 -8.54 -10.53 -17.91
N GLU C 98 -9.39 -10.94 -18.84
CA GLU C 98 -9.45 -10.30 -20.14
C GLU C 98 -9.86 -8.84 -20.00
N ALA C 99 -10.87 -8.55 -19.18
CA ALA C 99 -11.28 -7.17 -18.98
C ALA C 99 -10.14 -6.34 -18.40
N PHE C 100 -9.45 -6.89 -17.40
CA PHE C 100 -8.37 -6.14 -16.76
C PHE C 100 -7.24 -5.86 -17.73
N LEU C 101 -6.83 -6.85 -18.52
CA LEU C 101 -5.78 -6.62 -19.50
C LEU C 101 -6.21 -5.61 -20.55
N VAL C 102 -7.47 -5.69 -21.01
CA VAL C 102 -7.93 -4.74 -22.01
C VAL C 102 -7.91 -3.32 -21.47
N HIS C 103 -8.35 -3.13 -20.22
CA HIS C 103 -8.32 -1.78 -19.66
C HIS C 103 -6.89 -1.28 -19.49
N LEU C 104 -5.97 -2.15 -19.05
CA LEU C 104 -4.60 -1.71 -18.90
C LEU C 104 -4.00 -1.32 -20.24
N PHE C 105 -4.25 -2.12 -21.29
CA PHE C 105 -3.75 -1.78 -22.61
C PHE C 105 -4.36 -0.48 -23.11
N GLU C 106 -5.65 -0.27 -22.85
CA GLU C 106 -6.30 0.97 -23.26
C GLU C 106 -5.62 2.18 -22.62
N ASP C 107 -5.37 2.11 -21.32
CA ASP C 107 -4.73 3.23 -20.64
C ASP C 107 -3.30 3.44 -21.15
N ALA C 108 -2.58 2.35 -21.38
CA ALA C 108 -1.23 2.49 -21.94
C ALA C 108 -1.27 3.15 -23.30
N TYR C 109 -2.27 2.81 -24.12
CA TYR C 109 -2.39 3.42 -25.47
C TYR C 109 -2.60 4.93 -25.34
N LEU C 110 -3.38 5.37 -24.35
CA LEU C 110 -3.60 6.83 -24.11
C LEU C 110 -2.26 7.52 -23.88
N LEU C 111 -1.38 6.90 -23.08
CA LEU C 111 -0.03 7.49 -22.81
C LEU C 111 0.71 7.70 -24.14
N THR C 112 0.75 6.68 -25.00
CA THR C 112 1.46 6.78 -26.31
C THR C 112 0.84 7.90 -27.15
N LEU C 113 -0.50 7.98 -27.20
CA LEU C 113 -1.19 9.01 -28.03
C LEU C 113 -0.76 10.41 -27.57
N HIS C 114 -0.68 10.63 -26.24
CA HIS C 114 -0.25 11.94 -25.69
C HIS C 114 1.25 12.17 -25.97
N ALA C 115 2.05 11.09 -26.02
CA ALA C 115 3.50 11.21 -26.32
C ALA C 115 3.74 11.23 -27.83
N GLY C 116 2.69 11.14 -28.64
CA GLY C 116 2.86 11.06 -30.11
C GLY C 116 3.14 9.63 -30.57
N ARG C 117 4.34 9.11 -30.29
CA ARG C 117 4.74 7.74 -30.75
C ARG C 117 3.71 6.70 -30.31
N VAL C 118 3.20 5.87 -31.23
CA VAL C 118 2.09 4.90 -30.91
C VAL C 118 2.64 3.58 -30.36
N THR C 119 3.78 3.08 -30.87
CA THR C 119 4.31 1.74 -30.47
C THR C 119 4.29 1.58 -28.94
N LEU C 120 3.65 0.51 -28.43
CA LEU C 120 3.48 0.34 -26.97
C LEU C 120 4.75 -0.21 -26.31
N PHE C 121 5.67 0.67 -25.89
CA PHE C 121 6.92 0.28 -25.19
C PHE C 121 6.57 -0.11 -23.76
N PRO C 122 7.33 -0.99 -23.07
CA PRO C 122 6.93 -1.41 -21.71
C PRO C 122 6.95 -0.29 -20.70
N LYS C 123 7.73 0.78 -20.95
CA LYS C 123 7.65 1.95 -20.09
C LYS C 123 6.24 2.49 -20.04
N ASP C 124 5.52 2.44 -21.17
CA ASP C 124 4.16 2.94 -21.21
C ASP C 124 3.24 2.14 -20.30
N VAL C 125 3.26 0.81 -20.42
CA VAL C 125 2.36 -0.01 -19.62
C VAL C 125 2.73 0.06 -18.15
N GLN C 126 4.03 0.11 -17.83
CA GLN C 126 4.41 0.18 -16.42
C GLN C 126 4.01 1.53 -15.83
N LEU C 127 4.13 2.61 -16.60
CA LEU C 127 3.71 3.92 -16.11
C LEU C 127 2.20 3.98 -15.94
N ALA C 128 1.46 3.36 -16.87
CA ALA C 128 0.01 3.31 -16.73
C ALA C 128 -0.39 2.56 -15.47
N ARG C 129 0.30 1.45 -15.18
CA ARG C 129 0.04 0.73 -13.94
C ARG C 129 0.38 1.59 -12.73
N ARG C 130 1.49 2.33 -12.80
CA ARG C 130 1.90 3.16 -11.67
C ARG C 130 0.86 4.23 -11.37
N ILE C 131 0.34 4.90 -12.41
CA ILE C 131 -0.71 5.87 -12.18
C ILE C 131 -1.98 5.19 -11.67
N ARG C 132 -2.34 4.05 -12.26
CA ARG C 132 -3.52 3.33 -11.81
C ARG C 132 -3.38 2.86 -10.39
N GLY C 133 -2.20 2.36 -10.02
CA GLY C 133 -1.96 1.86 -8.67
C GLY C 133 -1.96 2.95 -7.62
N ILE D 26 3.39 -22.33 -16.48
CA ILE D 26 3.34 -22.64 -17.91
C ILE D 26 3.65 -21.41 -18.75
N GLN D 27 2.90 -20.33 -18.50
CA GLN D 27 2.98 -19.11 -19.30
C GLN D 27 2.83 -19.43 -20.79
N GLY D 28 1.79 -20.19 -21.10
CA GLY D 28 1.47 -20.57 -22.46
C GLY D 28 0.77 -19.48 -23.26
N ILE D 29 0.60 -18.30 -22.67
CA ILE D 29 -0.08 -17.20 -23.37
C ILE D 29 0.91 -16.66 -24.40
N THR D 30 0.69 -17.04 -25.66
CA THR D 30 1.67 -16.82 -26.71
C THR D 30 1.45 -15.48 -27.40
N LYS D 31 2.32 -15.17 -28.35
CA LYS D 31 2.35 -13.84 -28.97
C LYS D 31 1.04 -13.47 -29.67
N PRO D 32 0.47 -14.31 -30.56
CA PRO D 32 -0.77 -13.88 -31.23
C PRO D 32 -1.91 -13.63 -30.28
N ALA D 33 -2.01 -14.36 -29.17
CA ALA D 33 -3.07 -14.11 -28.21
C ALA D 33 -2.97 -12.70 -27.64
N ILE D 34 -1.78 -12.32 -27.19
CA ILE D 34 -1.59 -10.98 -26.64
C ILE D 34 -1.80 -9.93 -27.71
N ARG D 35 -1.33 -10.18 -28.93
CA ARG D 35 -1.51 -9.21 -30.00
C ARG D 35 -2.98 -8.98 -30.30
N ARG D 36 -3.77 -10.05 -30.35
CA ARG D 36 -5.20 -9.90 -30.60
C ARG D 36 -5.88 -9.21 -29.43
N LEU D 37 -5.44 -9.51 -28.21
CA LEU D 37 -6.00 -8.85 -27.04
C LEU D 37 -5.77 -7.35 -27.09
N ALA D 38 -4.55 -6.93 -27.45
CA ALA D 38 -4.27 -5.51 -27.60
C ALA D 38 -5.08 -4.92 -28.76
N ARG D 39 -5.24 -5.69 -29.84
CA ARG D 39 -5.98 -5.20 -30.99
C ARG D 39 -7.42 -4.87 -30.61
N ARG D 40 -8.06 -5.72 -29.81
CA ARG D 40 -9.36 -5.35 -29.31
C ARG D 40 -9.27 -4.25 -28.24
N GLY D 41 -8.08 -4.04 -27.68
CA GLY D 41 -7.88 -2.98 -26.73
C GLY D 41 -7.59 -1.62 -27.30
N GLY D 42 -7.64 -1.49 -28.63
CA GLY D 42 -7.38 -0.24 -29.30
C GLY D 42 -5.98 -0.10 -29.86
N VAL D 43 -5.06 -1.00 -29.51
CA VAL D 43 -3.67 -0.89 -29.94
C VAL D 43 -3.57 -1.24 -31.42
N LYS D 44 -2.87 -0.39 -32.18
CA LYS D 44 -2.60 -0.66 -33.58
C LYS D 44 -1.26 -1.38 -33.76
N ARG D 45 -0.17 -0.75 -33.35
CA ARG D 45 1.16 -1.34 -33.41
C ARG D 45 1.62 -1.68 -32.00
N ILE D 46 2.03 -2.92 -31.80
CA ILE D 46 2.43 -3.41 -30.49
C ILE D 46 3.91 -3.77 -30.52
N SER D 47 4.65 -3.29 -29.53
CA SER D 47 6.08 -3.54 -29.49
C SER D 47 6.36 -4.97 -29.07
N GLY D 48 7.53 -5.47 -29.48
CA GLY D 48 7.92 -6.82 -29.14
C GLY D 48 8.38 -7.01 -27.72
N LEU D 49 8.61 -5.93 -26.99
CA LEU D 49 9.08 -6.00 -25.62
C LEU D 49 7.94 -6.12 -24.61
N ILE D 50 6.69 -6.06 -25.06
CA ILE D 50 5.58 -5.99 -24.13
C ILE D 50 5.04 -7.36 -23.77
N TYR D 51 5.40 -8.41 -24.52
CA TYR D 51 4.87 -9.72 -24.21
C TYR D 51 5.32 -10.20 -22.84
N GLU D 52 6.59 -10.00 -22.50
CA GLU D 52 7.09 -10.42 -21.21
C GLU D 52 6.42 -9.65 -20.07
N GLU D 53 6.27 -8.34 -20.23
CA GLU D 53 5.63 -7.55 -19.18
C GLU D 53 4.16 -7.91 -19.03
N THR D 54 3.47 -8.18 -20.15
CA THR D 54 2.09 -8.63 -20.07
C THR D 54 1.99 -9.95 -19.33
N ARG D 55 2.90 -10.88 -19.63
CA ARG D 55 2.90 -12.15 -18.90
C ARG D 55 3.14 -11.92 -17.43
N GLY D 56 4.07 -11.04 -17.08
CA GLY D 56 4.33 -10.76 -15.68
C GLY D 56 3.14 -10.15 -14.95
N VAL D 57 2.50 -9.16 -15.57
CA VAL D 57 1.38 -8.51 -14.90
C VAL D 57 0.19 -9.45 -14.78
N LEU D 58 -0.06 -10.26 -15.82
CA LEU D 58 -1.12 -11.26 -15.71
C LEU D 58 -0.80 -12.27 -14.62
N LYS D 59 0.47 -12.68 -14.52
CA LYS D 59 0.85 -13.65 -13.50
C LYS D 59 0.63 -13.09 -12.11
N VAL D 60 1.00 -11.83 -11.87
CA VAL D 60 0.82 -11.27 -10.53
C VAL D 60 -0.66 -11.05 -10.23
N PHE D 61 -1.43 -10.61 -11.22
CA PHE D 61 -2.86 -10.41 -11.00
C PHE D 61 -3.55 -11.72 -10.67
N LEU D 62 -3.19 -12.80 -11.38
CA LEU D 62 -3.77 -14.09 -11.07
C LEU D 62 -3.26 -14.62 -9.74
N GLU D 63 -2.00 -14.38 -9.41
CA GLU D 63 -1.50 -14.84 -8.12
C GLU D 63 -2.21 -14.14 -6.98
N ASN D 64 -2.75 -12.95 -7.22
CA ASN D 64 -3.54 -12.30 -6.17
C ASN D 64 -4.97 -12.83 -6.13
N VAL D 65 -5.63 -12.88 -7.29
CA VAL D 65 -7.04 -13.27 -7.32
C VAL D 65 -7.20 -14.72 -6.89
N ILE D 66 -6.36 -15.62 -7.41
CA ILE D 66 -6.44 -17.03 -7.03
C ILE D 66 -6.19 -17.20 -5.54
N ARG D 67 -5.20 -16.47 -5.01
CA ARG D 67 -4.92 -16.53 -3.58
C ARG D 67 -6.15 -16.17 -2.77
N ASP D 68 -6.79 -15.04 -3.09
CA ASP D 68 -7.95 -14.63 -2.33
C ASP D 68 -9.11 -15.62 -2.49
N ALA D 69 -9.33 -16.11 -3.72
CA ALA D 69 -10.44 -17.02 -3.95
C ALA D 69 -10.25 -18.34 -3.21
N VAL D 70 -9.02 -18.87 -3.22
CA VAL D 70 -8.77 -20.12 -2.51
C VAL D 70 -8.86 -19.91 -1.01
N THR D 71 -8.45 -18.75 -0.50
CA THR D 71 -8.66 -18.48 0.92
C THR D 71 -10.15 -18.44 1.25
N TYR D 72 -10.94 -17.80 0.40
CA TYR D 72 -12.38 -17.77 0.62
C TYR D 72 -12.98 -19.18 0.64
N THR D 73 -12.66 -19.99 -0.36
CA THR D 73 -13.25 -21.33 -0.42
C THR D 73 -12.76 -22.19 0.73
N GLU D 74 -11.51 -21.99 1.17
CA GLU D 74 -11.05 -22.62 2.40
C GLU D 74 -11.92 -22.22 3.57
N HIS D 75 -12.25 -20.94 3.67
CA HIS D 75 -13.17 -20.47 4.71
C HIS D 75 -14.50 -21.17 4.62
N ALA D 76 -14.95 -21.50 3.40
CA ALA D 76 -16.21 -22.20 3.21
C ALA D 76 -16.14 -23.67 3.61
N LYS D 77 -14.99 -24.14 4.08
CA LYS D 77 -14.78 -25.53 4.47
C LYS D 77 -15.11 -26.49 3.32
N ARG D 78 -14.74 -26.09 2.10
CA ARG D 78 -14.91 -26.91 0.91
C ARG D 78 -13.55 -27.23 0.32
N LYS D 79 -13.57 -27.92 -0.82
CA LYS D 79 -12.35 -28.26 -1.53
C LYS D 79 -12.40 -27.85 -3.00
N THR D 80 -13.58 -27.85 -3.61
CA THR D 80 -13.79 -27.33 -4.95
C THR D 80 -13.94 -25.81 -4.88
N VAL D 81 -13.85 -25.15 -6.02
CA VAL D 81 -13.98 -23.71 -6.11
C VAL D 81 -15.10 -23.35 -7.07
N THR D 82 -15.98 -22.45 -6.63
CA THR D 82 -17.16 -22.06 -7.38
C THR D 82 -17.04 -20.60 -7.79
N ALA D 83 -17.76 -20.24 -8.86
CA ALA D 83 -17.67 -18.88 -9.39
C ALA D 83 -18.05 -17.84 -8.34
N MET D 84 -18.83 -18.23 -7.34
CA MET D 84 -19.13 -17.32 -6.24
C MET D 84 -17.85 -16.93 -5.51
N ASP D 85 -16.95 -17.91 -5.29
CA ASP D 85 -15.70 -17.60 -4.60
C ASP D 85 -14.85 -16.63 -5.39
N VAL D 86 -14.72 -16.84 -6.71
CA VAL D 86 -13.87 -15.95 -7.49
C VAL D 86 -14.50 -14.57 -7.62
N VAL D 87 -15.83 -14.50 -7.72
CA VAL D 87 -16.46 -13.18 -7.82
C VAL D 87 -16.33 -12.43 -6.49
N TYR D 88 -16.43 -13.15 -5.37
CA TYR D 88 -16.16 -12.53 -4.08
C TYR D 88 -14.72 -12.04 -4.00
N ALA D 89 -13.78 -12.85 -4.50
CA ALA D 89 -12.37 -12.43 -4.46
C ALA D 89 -12.14 -11.20 -5.31
N LEU D 90 -12.75 -11.14 -6.49
CA LEU D 90 -12.61 -9.97 -7.34
C LEU D 90 -13.21 -8.74 -6.68
N LYS D 91 -14.39 -8.88 -6.08
CA LYS D 91 -14.98 -7.75 -5.36
C LYS D 91 -14.09 -7.30 -4.22
N ARG D 92 -13.42 -8.25 -3.56
CA ARG D 92 -12.50 -7.90 -2.47
C ARG D 92 -11.28 -7.17 -2.99
N GLN D 93 -10.77 -7.57 -4.16
CA GLN D 93 -9.56 -6.96 -4.68
C GLN D 93 -9.74 -5.47 -4.95
N GLY D 94 -10.87 -5.11 -5.56
CA GLY D 94 -11.19 -3.73 -5.85
C GLY D 94 -11.45 -3.51 -7.32
N THR E 57 -5.64 -14.95 28.24
CA THR E 57 -5.43 -14.04 29.36
C THR E 57 -6.70 -13.25 29.66
N HIS E 58 -6.72 -12.60 30.83
CA HIS E 58 -7.86 -11.78 31.20
C HIS E 58 -7.94 -10.56 30.29
N LEU E 59 -9.17 -10.17 29.95
CA LEU E 59 -9.37 -9.04 29.06
C LEU E 59 -9.30 -7.73 29.83
N LEU E 60 -8.81 -6.68 29.16
CA LEU E 60 -8.67 -5.38 29.80
C LEU E 60 -9.91 -4.53 29.62
N ILE E 61 -10.29 -4.26 28.39
CA ILE E 61 -11.52 -3.51 28.12
C ILE E 61 -12.72 -4.36 28.45
N ARG E 62 -13.70 -3.77 29.13
CA ARG E 62 -14.89 -4.52 29.51
C ARG E 62 -15.62 -5.00 28.26
N LYS E 63 -16.20 -6.19 28.35
CA LYS E 63 -16.72 -6.86 27.17
C LYS E 63 -17.94 -6.13 26.60
N LEU E 64 -18.79 -5.57 27.45
CA LEU E 64 -20.01 -4.94 26.96
C LEU E 64 -19.76 -3.71 26.10
N PRO E 65 -18.93 -2.75 26.48
CA PRO E 65 -18.71 -1.60 25.58
C PRO E 65 -18.06 -1.97 24.26
N PHE E 66 -17.10 -2.89 24.29
CA PHE E 66 -16.51 -3.36 23.04
C PHE E 66 -17.55 -4.06 22.19
N SER E 67 -18.43 -4.83 22.82
CA SER E 67 -19.52 -5.47 22.09
C SER E 67 -20.41 -4.43 21.42
N ARG E 68 -20.76 -3.38 22.16
CA ARG E 68 -21.60 -2.33 21.60
C ARG E 68 -20.94 -1.67 20.40
N LEU E 69 -19.65 -1.34 20.54
CA LEU E 69 -18.92 -0.71 19.45
C LEU E 69 -18.85 -1.62 18.23
N ALA E 70 -18.53 -2.89 18.44
CA ALA E 70 -18.42 -3.81 17.32
C ALA E 70 -19.76 -3.97 16.62
N ARG E 71 -20.83 -4.13 17.39
CA ARG E 71 -22.14 -4.31 16.77
C ARG E 71 -22.56 -3.08 15.99
N GLU E 72 -22.33 -1.89 16.55
CA GLU E 72 -22.77 -0.69 15.83
C GLU E 72 -21.93 -0.48 14.57
N ILE E 73 -20.62 -0.71 14.64
CA ILE E 73 -19.80 -0.51 13.45
C ILE E 73 -20.17 -1.53 12.38
N CYS E 74 -20.46 -2.77 12.78
CA CYS E 74 -20.88 -3.78 11.81
C CYS E 74 -22.21 -3.40 11.16
N VAL E 75 -23.17 -2.94 11.96
CA VAL E 75 -24.49 -2.70 11.40
C VAL E 75 -24.53 -1.42 10.59
N LYS E 76 -23.60 -0.48 10.82
CA LYS E 76 -23.66 0.80 10.14
C LYS E 76 -22.64 0.91 9.02
N PHE E 77 -21.35 0.80 9.34
CA PHE E 77 -20.30 1.05 8.31
C PHE E 77 -19.94 -0.20 7.50
N THR E 78 -20.82 -1.19 7.44
CA THR E 78 -20.54 -2.37 6.57
C THR E 78 -21.80 -2.72 5.78
N ARG E 79 -22.81 -1.85 5.83
CA ARG E 79 -24.08 -2.06 5.07
C ARG E 79 -24.63 -3.48 5.31
N GLY E 80 -24.40 -4.04 6.51
CA GLY E 80 -24.99 -5.35 6.83
C GLY E 80 -26.33 -5.16 7.52
N VAL E 81 -27.26 -6.11 7.38
CA VAL E 81 -28.62 -5.93 7.95
C VAL E 81 -28.74 -6.69 9.28
N ASP E 82 -28.69 -5.99 10.41
CA ASP E 82 -28.90 -6.63 11.73
C ASP E 82 -28.18 -7.98 11.81
N PHE E 83 -26.87 -8.01 11.58
CA PHE E 83 -26.12 -9.25 11.76
C PHE E 83 -26.06 -9.62 13.23
N ASN E 84 -26.12 -10.92 13.50
CA ASN E 84 -26.01 -11.47 14.84
C ASN E 84 -24.56 -11.89 15.07
N TRP E 85 -24.08 -11.69 16.29
CA TRP E 85 -22.68 -11.98 16.61
C TRP E 85 -22.59 -13.14 17.58
N GLN E 86 -21.58 -13.98 17.39
CA GLN E 86 -21.32 -15.11 18.26
C GLN E 86 -20.37 -14.68 19.36
N ALA E 87 -20.72 -15.02 20.61
CA ALA E 87 -19.95 -14.54 21.75
C ALA E 87 -18.49 -14.95 21.66
N GLN E 88 -18.23 -16.17 21.18
CA GLN E 88 -16.85 -16.59 21.00
C GLN E 88 -16.13 -15.75 19.95
N ALA E 89 -16.80 -15.48 18.83
CA ALA E 89 -16.19 -14.65 17.80
C ALA E 89 -15.92 -13.24 18.32
N LEU E 90 -16.86 -12.69 19.09
CA LEU E 90 -16.67 -11.37 19.66
C LEU E 90 -15.52 -11.35 20.65
N LEU E 91 -15.39 -12.39 21.48
CA LEU E 91 -14.27 -12.46 22.40
C LEU E 91 -12.96 -12.58 21.63
N ALA E 92 -12.95 -13.33 20.54
CA ALA E 92 -11.75 -13.40 19.72
C ALA E 92 -11.39 -12.03 19.16
N LEU E 93 -12.39 -11.28 18.71
CA LEU E 93 -12.12 -9.93 18.22
C LEU E 93 -11.58 -9.03 19.33
N GLN E 94 -12.15 -9.13 20.52
CA GLN E 94 -11.67 -8.34 21.65
C GLN E 94 -10.23 -8.67 21.98
N GLU E 95 -9.90 -9.96 21.97
CA GLU E 95 -8.53 -10.39 22.18
C GLU E 95 -7.61 -9.83 21.12
N ALA E 96 -8.04 -9.88 19.86
CA ALA E 96 -7.20 -9.38 18.77
C ALA E 96 -6.94 -7.89 18.92
N ALA E 97 -7.98 -7.12 19.22
CA ALA E 97 -7.80 -5.68 19.39
C ALA E 97 -6.91 -5.36 20.57
N GLU E 98 -7.10 -6.06 21.69
CA GLU E 98 -6.26 -5.82 22.85
C GLU E 98 -4.81 -6.15 22.55
N ALA E 99 -4.55 -7.27 21.87
CA ALA E 99 -3.18 -7.63 21.54
C ALA E 99 -2.57 -6.62 20.59
N PHE E 100 -3.32 -6.17 19.60
CA PHE E 100 -2.80 -5.18 18.67
C PHE E 100 -2.44 -3.89 19.39
N LEU E 101 -3.31 -3.42 20.28
CA LEU E 101 -3.01 -2.18 21.00
C LEU E 101 -1.81 -2.34 21.92
N VAL E 102 -1.73 -3.43 22.67
CA VAL E 102 -0.61 -3.57 23.59
C VAL E 102 0.70 -3.71 22.82
N HIS E 103 0.67 -4.39 21.67
CA HIS E 103 1.87 -4.49 20.86
C HIS E 103 2.26 -3.13 20.28
N LEU E 104 1.27 -2.34 19.88
CA LEU E 104 1.56 -1.01 19.36
C LEU E 104 2.18 -0.14 20.44
N PHE E 105 1.69 -0.24 21.67
CA PHE E 105 2.28 0.55 22.75
C PHE E 105 3.67 0.07 23.11
N GLU E 106 3.89 -1.25 23.10
CA GLU E 106 5.23 -1.79 23.32
C GLU E 106 6.20 -1.24 22.28
N ASP E 107 5.76 -1.14 21.03
CA ASP E 107 6.61 -0.56 19.99
C ASP E 107 6.81 0.94 20.21
N ALA E 108 5.74 1.67 20.49
CA ALA E 108 5.83 3.13 20.57
C ALA E 108 6.64 3.61 21.76
N TYR E 109 6.58 2.91 22.89
CA TYR E 109 7.38 3.36 24.03
C TYR E 109 8.85 3.19 23.76
N LEU E 110 9.24 2.27 22.86
CA LEU E 110 10.63 2.20 22.45
C LEU E 110 11.06 3.51 21.80
N LEU E 111 10.22 4.06 20.93
CA LEU E 111 10.54 5.36 20.34
C LEU E 111 10.57 6.46 21.40
N THR E 112 9.62 6.43 22.33
CA THR E 112 9.57 7.48 23.35
C THR E 112 10.83 7.49 24.18
N LEU E 113 11.21 6.32 24.72
CA LEU E 113 12.46 6.23 25.47
C LEU E 113 13.65 6.56 24.58
N HIS E 114 13.58 6.24 23.30
CA HIS E 114 14.64 6.61 22.37
C HIS E 114 14.78 8.12 22.25
N ALA E 115 13.67 8.85 22.17
CA ALA E 115 13.72 10.29 22.06
C ALA E 115 14.14 10.97 23.36
N GLY E 116 14.45 10.20 24.40
CA GLY E 116 14.85 10.75 25.67
C GLY E 116 13.71 11.19 26.57
N ARG E 117 12.46 11.00 26.14
CA ARG E 117 11.30 11.42 26.90
C ARG E 117 10.71 10.20 27.60
N VAL E 118 10.60 10.27 28.93
CA VAL E 118 10.10 9.12 29.68
C VAL E 118 8.60 8.97 29.49
N THR E 119 7.91 10.06 29.15
CA THR E 119 6.48 9.99 28.90
C THR E 119 6.22 9.49 27.48
N LEU E 120 4.97 9.59 27.05
CA LEU E 120 4.56 9.16 25.72
C LEU E 120 3.79 10.28 25.06
N PHE E 121 4.00 10.47 23.78
CA PHE E 121 3.36 11.54 23.03
C PHE E 121 2.71 10.96 21.80
N PRO E 122 1.62 11.56 21.32
CA PRO E 122 0.94 11.00 20.14
C PRO E 122 1.83 10.92 18.91
N LYS E 123 2.74 11.87 18.71
CA LYS E 123 3.62 11.80 17.55
C LYS E 123 4.41 10.50 17.53
N ASP E 124 4.73 9.96 18.70
CA ASP E 124 5.40 8.66 18.77
C ASP E 124 4.52 7.57 18.18
N VAL E 125 3.24 7.57 18.52
CA VAL E 125 2.34 6.56 18.00
C VAL E 125 2.17 6.72 16.49
N GLN E 126 2.02 7.96 16.00
CA GLN E 126 1.91 8.13 14.56
C GLN E 126 3.16 7.63 13.85
N LEU E 127 4.34 7.95 14.40
CA LEU E 127 5.57 7.53 13.75
C LEU E 127 5.72 6.02 13.78
N ALA E 128 5.38 5.38 14.90
CA ALA E 128 5.48 3.93 14.98
C ALA E 128 4.52 3.26 14.01
N ARG E 129 3.31 3.80 13.89
CA ARG E 129 2.37 3.25 12.91
C ARG E 129 2.90 3.44 11.49
N ARG E 130 3.51 4.58 11.21
CA ARG E 130 4.06 4.82 9.88
C ARG E 130 5.19 3.85 9.56
N ILE E 131 6.07 3.59 10.53
CA ILE E 131 7.17 2.66 10.31
C ILE E 131 6.62 1.24 10.10
N ARG E 132 5.68 0.82 10.95
CA ARG E 132 5.13 -0.53 10.89
C ARG E 132 4.10 -0.58 9.76
N GLY E 133 4.60 -0.90 8.57
CA GLY E 133 3.74 -1.01 7.40
C GLY E 133 3.02 0.27 7.03
N ASP F 24 -21.28 9.06 23.78
CA ASP F 24 -21.36 8.41 22.47
C ASP F 24 -20.86 6.97 22.55
N ASN F 25 -21.12 6.20 21.49
CA ASN F 25 -20.74 4.79 21.46
C ASN F 25 -19.23 4.62 21.42
N ILE F 26 -18.51 5.43 20.64
CA ILE F 26 -17.06 5.29 20.55
C ILE F 26 -16.40 5.57 21.89
N GLN F 27 -17.05 6.37 22.74
CA GLN F 27 -16.45 6.62 24.05
C GLN F 27 -16.63 5.47 25.00
N GLY F 28 -17.12 4.33 24.52
CA GLY F 28 -17.17 3.14 25.33
C GLY F 28 -15.80 2.70 25.81
N ILE F 29 -14.77 2.93 25.00
CA ILE F 29 -13.41 2.61 25.41
C ILE F 29 -12.95 3.74 26.31
N THR F 30 -13.13 3.59 27.61
CA THR F 30 -12.93 4.67 28.54
C THR F 30 -11.45 4.95 28.77
N LYS F 31 -11.18 6.15 29.28
CA LYS F 31 -9.79 6.57 29.52
C LYS F 31 -9.06 5.64 30.50
N PRO F 32 -9.63 5.29 31.65
CA PRO F 32 -8.90 4.36 32.53
C PRO F 32 -8.62 3.02 31.87
N ALA F 33 -9.48 2.57 30.96
CA ALA F 33 -9.17 1.34 30.23
C ALA F 33 -7.93 1.51 29.37
N ILE F 34 -7.83 2.65 28.67
CA ILE F 34 -6.64 2.92 27.87
C ILE F 34 -5.41 3.00 28.76
N ARG F 35 -5.53 3.64 29.92
CA ARG F 35 -4.40 3.74 30.83
C ARG F 35 -3.97 2.36 31.31
N ARG F 36 -4.93 1.50 31.65
CA ARG F 36 -4.60 0.15 32.09
C ARG F 36 -3.93 -0.64 30.98
N LEU F 37 -4.44 -0.52 29.76
CA LEU F 37 -3.83 -1.22 28.63
C LEU F 37 -2.41 -0.72 28.40
N ALA F 38 -2.20 0.59 28.52
CA ALA F 38 -0.86 1.13 28.37
C ALA F 38 0.06 0.63 29.48
N ARG F 39 -0.44 0.56 30.71
CA ARG F 39 0.36 0.03 31.81
C ARG F 39 0.79 -1.40 31.52
N ARG F 40 -0.13 -2.22 31.00
CA ARG F 40 0.26 -3.55 30.57
C ARG F 40 1.25 -3.50 29.44
N GLY F 41 1.20 -2.46 28.61
CA GLY F 41 2.16 -2.31 27.54
C GLY F 41 3.53 -1.88 27.99
N GLY F 42 3.65 -1.34 29.20
CA GLY F 42 4.94 -0.98 29.75
C GLY F 42 5.26 0.49 29.80
N VAL F 43 4.39 1.36 29.31
CA VAL F 43 4.66 2.80 29.36
C VAL F 43 4.44 3.30 30.78
N LYS F 44 5.10 4.41 31.11
CA LYS F 44 5.00 4.93 32.47
C LYS F 44 4.05 6.12 32.55
N ARG F 45 4.33 7.18 31.79
CA ARG F 45 3.51 8.39 31.81
C ARG F 45 2.84 8.59 30.46
N ILE F 46 1.56 8.92 30.49
CA ILE F 46 0.71 9.00 29.31
C ILE F 46 0.24 10.44 29.14
N SER F 47 0.42 10.98 27.95
CA SER F 47 -0.05 12.33 27.66
C SER F 47 -1.54 12.30 27.34
N GLY F 48 -2.23 13.37 27.74
CA GLY F 48 -3.67 13.44 27.57
C GLY F 48 -4.13 13.45 26.13
N LEU F 49 -3.23 13.75 25.19
CA LEU F 49 -3.59 13.73 23.78
C LEU F 49 -3.69 12.32 23.23
N ILE F 50 -3.05 11.34 23.89
CA ILE F 50 -2.97 9.99 23.33
C ILE F 50 -4.30 9.26 23.37
N TYR F 51 -5.24 9.67 24.23
CA TYR F 51 -6.50 8.96 24.33
C TYR F 51 -7.26 9.01 23.01
N GLU F 52 -7.40 10.21 22.43
CA GLU F 52 -8.13 10.34 21.18
C GLU F 52 -7.42 9.60 20.06
N GLU F 53 -6.09 9.66 20.01
CA GLU F 53 -5.34 8.97 18.97
C GLU F 53 -5.50 7.45 19.09
N THR F 54 -5.45 6.93 20.31
CA THR F 54 -5.66 5.50 20.50
C THR F 54 -7.07 5.09 20.09
N ARG F 55 -8.06 5.93 20.41
CA ARG F 55 -9.42 5.63 19.98
C ARG F 55 -9.51 5.60 18.45
N GLY F 56 -8.84 6.54 17.79
CA GLY F 56 -8.85 6.54 16.33
C GLY F 56 -8.19 5.29 15.75
N VAL F 57 -7.05 4.90 16.30
CA VAL F 57 -6.35 3.72 15.79
C VAL F 57 -7.20 2.47 15.99
N LEU F 58 -7.78 2.33 17.18
CA LEU F 58 -8.67 1.21 17.43
C LEU F 58 -9.84 1.21 16.47
N LYS F 59 -10.39 2.39 16.18
CA LYS F 59 -11.51 2.50 15.26
C LYS F 59 -11.12 2.01 13.87
N VAL F 60 -9.95 2.42 13.38
CA VAL F 60 -9.52 1.99 12.05
C VAL F 60 -9.32 0.48 12.01
N PHE F 61 -8.63 -0.05 13.02
CA PHE F 61 -8.35 -1.49 13.04
C PHE F 61 -9.63 -2.30 13.09
N LEU F 62 -10.56 -1.89 13.96
CA LEU F 62 -11.85 -2.57 14.05
C LEU F 62 -12.60 -2.47 12.73
N GLU F 63 -12.55 -1.31 12.08
CA GLU F 63 -13.24 -1.18 10.81
C GLU F 63 -12.73 -2.20 9.80
N ASN F 64 -11.41 -2.29 9.67
CA ASN F 64 -10.85 -3.25 8.71
C ASN F 64 -11.24 -4.67 9.05
N VAL F 65 -11.05 -5.06 10.32
CA VAL F 65 -11.30 -6.45 10.70
C VAL F 65 -12.78 -6.80 10.55
N ILE F 66 -13.66 -5.91 10.99
CA ILE F 66 -15.09 -6.17 10.87
C ILE F 66 -15.50 -6.26 9.41
N ARG F 67 -14.95 -5.40 8.56
CA ARG F 67 -15.31 -5.46 7.14
C ARG F 67 -14.92 -6.82 6.56
N ASP F 68 -13.71 -7.27 6.84
CA ASP F 68 -13.28 -8.55 6.26
C ASP F 68 -14.07 -9.71 6.84
N ALA F 69 -14.35 -9.69 8.15
CA ALA F 69 -15.11 -10.78 8.75
C ALA F 69 -16.53 -10.83 8.21
N VAL F 70 -17.16 -9.67 8.05
CA VAL F 70 -18.51 -9.62 7.50
C VAL F 70 -18.51 -10.11 6.07
N THR F 71 -17.48 -9.76 5.29
CA THR F 71 -17.39 -10.26 3.92
C THR F 71 -17.31 -11.78 3.92
N TYR F 72 -16.49 -12.35 4.79
CA TYR F 72 -16.39 -13.81 4.85
C TYR F 72 -17.73 -14.43 5.25
N THR F 73 -18.41 -13.82 6.21
CA THR F 73 -19.70 -14.34 6.64
C THR F 73 -20.71 -14.30 5.51
N GLU F 74 -20.72 -13.22 4.73
CA GLU F 74 -21.59 -13.16 3.56
C GLU F 74 -21.22 -14.23 2.55
N HIS F 75 -19.93 -14.52 2.39
CA HIS F 75 -19.53 -15.64 1.55
C HIS F 75 -20.17 -16.94 2.03
N ALA F 76 -20.02 -17.26 3.31
CA ALA F 76 -20.65 -18.46 3.84
C ALA F 76 -22.17 -18.36 3.83
N LYS F 77 -22.73 -17.21 3.46
CA LYS F 77 -24.17 -17.01 3.37
C LYS F 77 -24.86 -17.31 4.69
N ARG F 78 -24.29 -16.80 5.77
CA ARG F 78 -24.88 -16.88 7.10
C ARG F 78 -25.21 -15.47 7.58
N LYS F 79 -26.19 -15.37 8.49
CA LYS F 79 -26.48 -14.08 9.10
C LYS F 79 -25.61 -13.84 10.34
N THR F 80 -25.04 -14.90 10.89
CA THR F 80 -24.23 -14.77 12.10
C THR F 80 -22.75 -14.95 11.78
N VAL F 81 -21.91 -14.27 12.57
CA VAL F 81 -20.46 -14.29 12.40
C VAL F 81 -19.86 -15.22 13.43
N THR F 82 -18.96 -16.09 13.00
CA THR F 82 -18.39 -17.13 13.84
C THR F 82 -16.89 -16.90 13.99
N ALA F 83 -16.31 -17.48 15.06
CA ALA F 83 -14.90 -17.28 15.33
C ALA F 83 -14.02 -17.67 14.16
N MET F 84 -14.47 -18.62 13.33
CA MET F 84 -13.72 -18.94 12.13
C MET F 84 -13.62 -17.73 11.21
N ASP F 85 -14.72 -16.99 11.05
CA ASP F 85 -14.68 -15.82 10.17
C ASP F 85 -13.68 -14.78 10.67
N VAL F 86 -13.69 -14.49 11.97
CA VAL F 86 -12.79 -13.46 12.48
C VAL F 86 -11.35 -13.93 12.44
N VAL F 87 -11.09 -15.20 12.72
CA VAL F 87 -9.70 -15.67 12.70
C VAL F 87 -9.16 -15.65 11.27
N TYR F 88 -10.01 -16.00 10.30
CA TYR F 88 -9.59 -15.91 8.90
C TYR F 88 -9.37 -14.46 8.50
N ALA F 89 -10.22 -13.54 8.96
CA ALA F 89 -10.02 -12.13 8.66
C ALA F 89 -8.71 -11.64 9.23
N LEU F 90 -8.39 -12.05 10.45
CA LEU F 90 -7.10 -11.70 11.05
C LEU F 90 -5.96 -12.24 10.24
N LYS F 91 -6.07 -13.50 9.78
CA LYS F 91 -5.03 -14.09 8.97
C LYS F 91 -4.83 -13.30 7.68
N ARG F 92 -5.92 -12.88 7.05
CA ARG F 92 -5.81 -12.08 5.84
C ARG F 92 -5.17 -10.73 6.11
N GLN F 93 -5.52 -10.09 7.22
CA GLN F 93 -4.97 -8.77 7.54
C GLN F 93 -3.47 -8.85 7.72
N GLY F 94 -2.76 -7.90 7.13
CA GLY F 94 -1.31 -7.85 7.23
C GLY F 94 -0.71 -6.62 6.60
N HIS G 58 21.59 4.60 -10.06
CA HIS G 58 22.55 3.58 -10.44
C HIS G 58 23.02 2.77 -9.23
N LEU G 59 24.07 1.99 -9.41
CA LEU G 59 24.61 1.17 -8.33
C LEU G 59 25.72 1.93 -7.63
N LEU G 60 25.64 2.02 -6.30
CA LEU G 60 26.48 2.91 -5.53
C LEU G 60 27.71 2.22 -4.92
N ILE G 61 27.96 0.96 -5.28
CA ILE G 61 29.12 0.22 -4.76
C ILE G 61 29.78 -0.53 -5.91
N ARG G 62 31.04 -0.90 -5.71
CA ARG G 62 31.79 -1.61 -6.74
C ARG G 62 31.29 -3.05 -6.88
N LYS G 63 31.30 -3.55 -8.11
CA LYS G 63 30.71 -4.85 -8.39
C LYS G 63 31.56 -5.99 -7.84
N LEU G 64 32.87 -5.95 -8.08
CA LEU G 64 33.73 -7.08 -7.72
C LEU G 64 33.76 -7.38 -6.23
N PRO G 65 33.88 -6.41 -5.32
CA PRO G 65 33.81 -6.77 -3.89
C PRO G 65 32.48 -7.39 -3.52
N PHE G 66 31.40 -6.94 -4.12
CA PHE G 66 30.09 -7.55 -3.87
C PHE G 66 30.08 -8.99 -4.36
N SER G 67 30.64 -9.24 -5.53
CA SER G 67 30.71 -10.60 -6.06
C SER G 67 31.53 -11.50 -5.15
N ARG G 68 32.67 -11.02 -4.67
CA ARG G 68 33.53 -11.86 -3.86
C ARG G 68 32.92 -12.10 -2.48
N LEU G 69 32.20 -11.12 -1.93
CA LEU G 69 31.53 -11.36 -0.65
C LEU G 69 30.39 -12.35 -0.82
N ALA G 70 29.67 -12.27 -1.94
CA ALA G 70 28.66 -13.28 -2.24
C ALA G 70 29.28 -14.67 -2.37
N ARG G 71 30.44 -14.74 -3.02
CA ARG G 71 31.12 -16.02 -3.17
C ARG G 71 31.52 -16.60 -1.82
N GLU G 72 32.06 -15.78 -0.92
CA GLU G 72 32.51 -16.32 0.36
C GLU G 72 31.34 -16.63 1.28
N ILE G 73 30.23 -15.88 1.15
CA ILE G 73 29.05 -16.19 1.95
C ILE G 73 28.31 -17.39 1.38
N CYS G 74 28.60 -17.79 0.13
CA CYS G 74 28.20 -19.11 -0.31
C CYS G 74 29.17 -20.19 0.16
N VAL G 75 30.45 -19.84 0.26
CA VAL G 75 31.45 -20.80 0.74
C VAL G 75 31.16 -21.20 2.18
N LYS G 76 30.71 -20.25 2.99
CA LYS G 76 30.39 -20.56 4.39
C LYS G 76 29.26 -21.57 4.52
N PHE G 77 28.50 -21.80 3.45
CA PHE G 77 27.49 -22.85 3.45
C PHE G 77 28.11 -24.25 3.47
N THR G 78 29.42 -24.35 3.28
CA THR G 78 30.20 -25.59 3.30
C THR G 78 29.45 -26.75 2.64
N ARG G 79 29.08 -26.54 1.38
CA ARG G 79 28.53 -27.57 0.51
C ARG G 79 29.44 -27.77 -0.69
N GLY G 80 30.75 -27.70 -0.44
CA GLY G 80 31.70 -27.83 -1.53
C GLY G 80 31.61 -26.65 -2.50
N VAL G 81 31.78 -26.95 -3.77
CA VAL G 81 31.73 -25.94 -4.83
C VAL G 81 30.28 -25.72 -5.19
N ASP G 82 29.79 -24.48 -5.01
CA ASP G 82 28.42 -24.15 -5.38
C ASP G 82 28.31 -22.76 -5.99
N PHE G 83 29.42 -22.17 -6.42
CA PHE G 83 29.44 -20.82 -6.96
C PHE G 83 29.14 -20.89 -8.46
N ASN G 84 27.97 -20.37 -8.84
CA ASN G 84 27.54 -20.29 -10.24
C ASN G 84 26.76 -18.97 -10.36
N TRP G 85 27.47 -17.92 -10.73
CA TRP G 85 26.94 -16.56 -10.67
C TRP G 85 26.65 -16.04 -12.08
N GLN G 86 25.50 -15.39 -12.23
CA GLN G 86 25.11 -14.78 -13.49
C GLN G 86 25.07 -13.26 -13.33
N ALA G 87 25.31 -12.56 -14.44
CA ALA G 87 25.28 -11.10 -14.39
C ALA G 87 23.91 -10.60 -13.99
N GLN G 88 22.85 -11.18 -14.56
CA GLN G 88 21.50 -10.75 -14.22
C GLN G 88 21.18 -11.03 -12.75
N ALA G 89 21.56 -12.23 -12.26
CA ALA G 89 21.32 -12.54 -10.86
C ALA G 89 22.09 -11.61 -9.94
N LEU G 90 23.37 -11.37 -10.26
CA LEU G 90 24.18 -10.50 -9.41
C LEU G 90 23.63 -9.09 -9.38
N LEU G 91 23.22 -8.54 -10.54
CA LEU G 91 22.69 -7.19 -10.56
C LEU G 91 21.34 -7.11 -9.87
N ALA G 92 20.51 -8.15 -9.99
CA ALA G 92 19.23 -8.15 -9.30
C ALA G 92 19.43 -8.17 -7.79
N LEU G 93 20.36 -8.99 -7.31
CA LEU G 93 20.61 -9.03 -5.87
C LEU G 93 21.23 -7.73 -5.40
N GLN G 94 22.09 -7.12 -6.23
CA GLN G 94 22.61 -5.79 -5.93
C GLN G 94 21.49 -4.78 -5.74
N GLU G 95 20.55 -4.74 -6.69
CA GLU G 95 19.45 -3.79 -6.60
C GLU G 95 18.60 -4.06 -5.37
N ALA G 96 18.32 -5.33 -5.08
CA ALA G 96 17.49 -5.66 -3.92
C ALA G 96 18.17 -5.24 -2.61
N ALA G 97 19.47 -5.54 -2.48
CA ALA G 97 20.19 -5.16 -1.28
C ALA G 97 20.25 -3.65 -1.13
N GLU G 98 20.49 -2.93 -2.22
CA GLU G 98 20.55 -1.47 -2.15
C GLU G 98 19.20 -0.88 -1.78
N ALA G 99 18.11 -1.44 -2.33
CA ALA G 99 16.78 -0.96 -1.99
C ALA G 99 16.48 -1.19 -0.52
N PHE G 100 16.81 -2.37 0.00
CA PHE G 100 16.58 -2.63 1.41
C PHE G 100 17.38 -1.67 2.27
N LEU G 101 18.64 -1.43 1.91
CA LEU G 101 19.46 -0.49 2.68
C LEU G 101 18.89 0.91 2.63
N VAL G 102 18.42 1.36 1.47
CA VAL G 102 17.93 2.73 1.37
C VAL G 102 16.63 2.89 2.15
N HIS G 103 15.76 1.87 2.13
CA HIS G 103 14.58 1.91 2.98
C HIS G 103 14.96 2.00 4.44
N LEU G 104 15.91 1.17 4.88
CA LEU G 104 16.31 1.19 6.28
C LEU G 104 16.89 2.54 6.67
N PHE G 105 17.76 3.11 5.82
CA PHE G 105 18.35 4.40 6.13
C PHE G 105 17.31 5.51 6.16
N GLU G 106 16.38 5.54 5.20
CA GLU G 106 15.40 6.62 5.20
C GLU G 106 14.50 6.53 6.42
N ASP G 107 14.07 5.32 6.79
CA ASP G 107 13.25 5.18 7.98
C ASP G 107 14.02 5.56 9.24
N ALA G 108 15.29 5.12 9.34
CA ALA G 108 16.07 5.45 10.52
C ALA G 108 16.32 6.94 10.63
N TYR G 109 16.56 7.61 9.49
CA TYR G 109 16.76 9.05 9.53
C TYR G 109 15.48 9.77 9.91
N LEU G 110 14.33 9.30 9.43
CA LEU G 110 13.06 9.87 9.88
C LEU G 110 12.91 9.73 11.38
N LEU G 111 13.23 8.54 11.90
CA LEU G 111 13.08 8.30 13.33
C LEU G 111 14.03 9.18 14.14
N THR G 112 15.27 9.33 13.69
CA THR G 112 16.22 10.13 14.45
C THR G 112 15.93 11.62 14.31
N LEU G 113 15.30 12.04 13.21
CA LEU G 113 14.81 13.40 13.13
C LEU G 113 13.69 13.61 14.13
N HIS G 114 12.82 12.61 14.30
CA HIS G 114 11.85 12.64 15.39
C HIS G 114 12.54 12.73 16.74
N ALA G 115 13.70 12.08 16.89
CA ALA G 115 14.38 12.07 18.17
C ALA G 115 14.79 13.47 18.61
N GLY G 116 15.26 14.29 17.68
CA GLY G 116 15.67 15.64 18.01
C GLY G 116 17.09 15.96 17.59
N ARG G 117 17.64 15.14 16.70
CA ARG G 117 18.98 15.31 16.19
C ARG G 117 18.94 15.16 14.67
N VAL G 118 19.76 15.95 13.97
CA VAL G 118 19.78 15.84 12.51
C VAL G 118 20.77 14.78 12.07
N THR G 119 21.73 14.42 12.92
CA THR G 119 22.71 13.40 12.56
C THR G 119 22.08 12.02 12.68
N LEU G 120 22.91 10.99 12.56
CA LEU G 120 22.47 9.61 12.63
C LEU G 120 23.40 8.85 13.58
N PHE G 121 22.84 7.90 14.30
CA PHE G 121 23.56 7.12 15.29
C PHE G 121 23.22 5.65 15.15
N PRO G 122 24.10 4.76 15.61
CA PRO G 122 23.83 3.32 15.49
C PRO G 122 22.53 2.87 16.14
N LYS G 123 22.19 3.43 17.31
CA LYS G 123 20.97 3.01 17.99
C LYS G 123 19.73 3.40 17.20
N ASP G 124 19.86 4.32 16.23
CA ASP G 124 18.75 4.58 15.33
C ASP G 124 18.45 3.37 14.46
N VAL G 125 19.43 2.95 13.65
CA VAL G 125 19.20 1.85 12.72
C VAL G 125 18.91 0.56 13.47
N GLN G 126 19.55 0.36 14.63
CA GLN G 126 19.29 -0.86 15.39
C GLN G 126 17.81 -1.00 15.73
N LEU G 127 17.24 0.03 16.35
CA LEU G 127 15.84 -0.10 16.77
C LEU G 127 14.90 0.01 15.58
N ALA G 128 15.32 0.69 14.52
CA ALA G 128 14.49 0.72 13.31
C ALA G 128 14.35 -0.68 12.73
N ARG G 129 15.47 -1.41 12.62
CA ARG G 129 15.40 -2.80 12.17
C ARG G 129 14.60 -3.65 13.14
N ARG G 130 14.75 -3.43 14.44
CA ARG G 130 14.01 -4.22 15.41
C ARG G 130 12.50 -4.01 15.24
N ILE G 131 12.08 -2.77 15.06
CA ILE G 131 10.64 -2.47 14.93
C ILE G 131 10.11 -3.03 13.62
N ARG G 132 10.88 -2.90 12.54
CA ARG G 132 10.40 -3.38 11.24
C ARG G 132 10.11 -4.88 11.27
N GLY G 133 10.79 -5.62 12.13
CA GLY G 133 10.57 -7.05 12.26
C GLY G 133 11.57 -7.76 13.13
N ASP H 24 39.03 -8.79 6.09
CA ASP H 24 39.36 -8.48 4.70
C ASP H 24 38.17 -8.73 3.79
N ASN H 25 37.35 -9.70 4.16
CA ASN H 25 36.16 -10.03 3.36
C ASN H 25 35.16 -8.88 3.35
N ILE H 26 34.93 -8.25 4.50
CA ILE H 26 33.94 -7.18 4.58
C ILE H 26 34.56 -5.83 4.26
N GLN H 27 35.88 -5.77 4.12
CA GLN H 27 36.53 -4.52 3.74
C GLN H 27 36.08 -4.04 2.36
N GLY H 28 35.51 -4.94 1.54
CA GLY H 28 35.05 -4.54 0.23
C GLY H 28 33.99 -3.46 0.28
N ILE H 29 33.07 -3.56 1.23
CA ILE H 29 32.09 -2.50 1.44
C ILE H 29 32.83 -1.30 2.04
N THR H 30 33.07 -0.29 1.23
CA THR H 30 33.91 0.83 1.64
C THR H 30 33.08 1.93 2.28
N LYS H 31 33.74 2.71 3.15
CA LYS H 31 33.03 3.72 3.94
C LYS H 31 32.33 4.79 3.09
N PRO H 32 32.91 5.35 2.03
CA PRO H 32 32.16 6.36 1.26
C PRO H 32 30.93 5.79 0.60
N ALA H 33 30.88 4.47 0.38
CA ALA H 33 29.66 3.86 -0.14
C ALA H 33 28.51 4.04 0.85
N ILE H 34 28.79 3.87 2.15
CA ILE H 34 27.76 4.11 3.16
C ILE H 34 27.30 5.56 3.10
N ARG H 35 28.24 6.50 2.99
CA ARG H 35 27.87 7.91 2.97
C ARG H 35 27.00 8.25 1.77
N ARG H 36 27.40 7.78 0.58
CA ARG H 36 26.61 8.08 -0.61
C ARG H 36 25.25 7.41 -0.56
N LEU H 37 25.20 6.19 -0.02
CA LEU H 37 23.91 5.49 0.09
C LEU H 37 22.98 6.21 1.05
N ALA H 38 23.52 6.69 2.17
CA ALA H 38 22.72 7.49 3.08
C ALA H 38 22.25 8.78 2.42
N ARG H 39 23.11 9.40 1.61
CA ARG H 39 22.71 10.60 0.88
C ARG H 39 21.54 10.29 -0.05
N ARG H 40 21.59 9.15 -0.74
CA ARG H 40 20.45 8.74 -1.55
C ARG H 40 19.24 8.47 -0.65
N GLY H 41 19.47 8.07 0.59
CA GLY H 41 18.40 7.84 1.53
C GLY H 41 17.86 9.09 2.18
N GLY H 42 18.37 10.26 1.82
CA GLY H 42 17.92 11.50 2.42
C GLY H 42 18.59 11.85 3.72
N VAL H 43 19.57 11.08 4.16
CA VAL H 43 20.29 11.38 5.39
C VAL H 43 21.20 12.57 5.17
N LYS H 44 21.21 13.50 6.13
CA LYS H 44 22.06 14.67 6.01
C LYS H 44 23.48 14.40 6.50
N ARG H 45 23.63 13.98 7.75
CA ARG H 45 24.94 13.70 8.33
C ARG H 45 25.00 12.23 8.73
N ILE H 46 26.22 11.70 8.81
CA ILE H 46 26.46 10.31 9.13
C ILE H 46 27.57 10.21 10.15
N SER H 47 27.30 9.53 11.26
CA SER H 47 28.31 9.41 12.30
C SER H 47 29.32 8.32 11.98
N GLY H 48 30.46 8.39 12.65
CA GLY H 48 31.54 7.45 12.35
C GLY H 48 31.21 6.02 12.72
N LEU H 49 30.49 5.82 13.82
CA LEU H 49 30.28 4.47 14.32
C LEU H 49 29.29 3.69 13.47
N ILE H 50 28.53 4.35 12.58
CA ILE H 50 27.49 3.67 11.82
C ILE H 50 28.03 2.62 10.86
N TYR H 51 29.31 2.71 10.48
CA TYR H 51 29.84 1.84 9.44
C TYR H 51 29.79 0.38 9.84
N GLU H 52 30.17 0.07 11.08
CA GLU H 52 30.18 -1.31 11.54
C GLU H 52 28.79 -1.91 11.53
N GLU H 53 27.79 -1.20 12.05
CA GLU H 53 26.44 -1.75 12.07
C GLU H 53 25.85 -1.82 10.67
N THR H 54 26.24 -0.88 9.80
CA THR H 54 25.80 -0.97 8.41
C THR H 54 26.33 -2.24 7.75
N ARG H 55 27.60 -2.55 7.97
CA ARG H 55 28.16 -3.77 7.42
C ARG H 55 27.53 -5.00 8.05
N GLY H 56 27.21 -4.92 9.34
CA GLY H 56 26.55 -6.05 10.00
C GLY H 56 25.17 -6.32 9.45
N VAL H 57 24.37 -5.27 9.26
CA VAL H 57 23.03 -5.46 8.72
C VAL H 57 23.10 -5.90 7.26
N LEU H 58 24.09 -5.41 6.51
CA LEU H 58 24.29 -5.92 5.17
C LEU H 58 24.60 -7.41 5.21
N LYS H 59 25.46 -7.83 6.13
CA LYS H 59 25.79 -9.25 6.24
C LYS H 59 24.56 -10.08 6.58
N VAL H 60 23.73 -9.62 7.51
CA VAL H 60 22.57 -10.43 7.89
C VAL H 60 21.57 -10.50 6.75
N PHE H 61 21.34 -9.38 6.06
CA PHE H 61 20.42 -9.41 4.92
C PHE H 61 20.96 -10.31 3.81
N LEU H 62 22.27 -10.24 3.55
CA LEU H 62 22.86 -11.09 2.53
C LEU H 62 22.74 -12.55 2.90
N GLU H 63 23.02 -12.91 4.15
CA GLU H 63 22.96 -14.31 4.53
C GLU H 63 21.52 -14.83 4.48
N ASN H 64 20.55 -14.00 4.88
CA ASN H 64 19.16 -14.41 4.74
C ASN H 64 18.78 -14.66 3.28
N VAL H 65 19.02 -13.66 2.43
CA VAL H 65 18.57 -13.78 1.04
C VAL H 65 19.31 -14.91 0.33
N ILE H 66 20.58 -15.13 0.67
CA ILE H 66 21.34 -16.15 -0.05
C ILE H 66 21.06 -17.52 0.51
N ARG H 67 20.69 -17.63 1.79
CA ARG H 67 20.16 -18.89 2.32
C ARG H 67 18.90 -19.28 1.58
N ASP H 68 17.98 -18.32 1.41
CA ASP H 68 16.75 -18.62 0.67
C ASP H 68 17.05 -18.98 -0.78
N ALA H 69 17.98 -18.24 -1.40
CA ALA H 69 18.33 -18.52 -2.79
C ALA H 69 18.97 -19.90 -2.94
N VAL H 70 19.87 -20.26 -2.03
CA VAL H 70 20.54 -21.55 -2.14
C VAL H 70 19.58 -22.69 -1.86
N THR H 71 18.62 -22.52 -0.94
CA THR H 71 17.66 -23.59 -0.72
C THR H 71 16.69 -23.72 -1.89
N TYR H 72 16.37 -22.60 -2.55
CA TYR H 72 15.55 -22.69 -3.75
C TYR H 72 16.32 -23.35 -4.88
N THR H 73 17.62 -23.07 -4.99
CA THR H 73 18.42 -23.68 -6.04
C THR H 73 18.65 -25.16 -5.78
N GLU H 74 18.71 -25.54 -4.50
CA GLU H 74 18.78 -26.94 -4.12
C GLU H 74 17.45 -27.66 -4.27
N HIS H 75 16.33 -26.92 -4.23
CA HIS H 75 15.04 -27.54 -4.52
C HIS H 75 15.05 -28.16 -5.92
N ALA H 76 15.60 -27.44 -6.89
CA ALA H 76 15.91 -28.05 -8.17
C ALA H 76 17.24 -28.81 -8.07
N LYS H 77 17.42 -29.75 -8.99
CA LYS H 77 18.56 -30.66 -8.90
C LYS H 77 19.86 -30.04 -9.38
N ARG H 78 19.82 -28.99 -10.18
CA ARG H 78 21.05 -28.32 -10.62
C ARG H 78 21.54 -27.36 -9.56
N LYS H 79 22.86 -27.16 -9.51
CA LYS H 79 23.47 -26.24 -8.56
C LYS H 79 23.70 -24.85 -9.14
N THR H 80 23.26 -24.60 -10.37
CA THR H 80 23.39 -23.30 -11.00
C THR H 80 22.18 -22.44 -10.65
N VAL H 81 22.43 -21.29 -10.05
CA VAL H 81 21.33 -20.42 -9.64
C VAL H 81 20.82 -19.63 -10.83
N THR H 82 19.63 -19.05 -10.67
CA THR H 82 18.99 -18.27 -11.72
C THR H 82 18.38 -17.01 -11.10
N ALA H 83 18.08 -16.04 -11.97
CA ALA H 83 17.43 -14.82 -11.49
C ALA H 83 16.05 -15.11 -10.94
N MET H 84 15.38 -16.14 -11.45
CA MET H 84 14.07 -16.50 -10.91
C MET H 84 14.17 -16.97 -9.46
N ASP H 85 15.21 -17.73 -9.13
CA ASP H 85 15.33 -18.24 -7.78
C ASP H 85 15.45 -17.11 -6.76
N VAL H 86 16.27 -16.09 -7.05
CA VAL H 86 16.47 -15.02 -6.09
C VAL H 86 15.22 -14.15 -5.97
N VAL H 87 14.55 -13.87 -7.08
CA VAL H 87 13.36 -13.02 -7.00
C VAL H 87 12.24 -13.76 -6.28
N TYR H 88 12.19 -15.10 -6.40
CA TYR H 88 11.29 -15.86 -5.55
C TYR H 88 11.73 -15.81 -4.10
N ALA H 89 13.05 -15.86 -3.85
CA ALA H 89 13.56 -15.78 -2.49
C ALA H 89 13.17 -14.48 -1.83
N LEU H 90 13.05 -13.41 -2.61
CA LEU H 90 12.60 -12.13 -2.07
C LEU H 90 11.23 -12.25 -1.40
N LYS H 91 10.33 -13.05 -1.98
CA LYS H 91 9.03 -13.29 -1.37
C LYS H 91 9.13 -14.34 -0.28
#